data_3V75
#
_entry.id   3V75
#
_cell.length_a   77.882
_cell.length_b   83.342
_cell.length_c   44.081
_cell.angle_alpha   90.00
_cell.angle_beta   110.52
_cell.angle_gamma   90.00
#
_symmetry.space_group_name_H-M   'C 1 2 1'
#
loop_
_entity.id
_entity.type
_entity.pdbx_description
1 polymer "Orotidine 5'-phosphate decarboxylase"
2 water water
#
_entity_poly.entity_id   1
_entity_poly.type   'polypeptide(L)'
_entity_poly.pdbx_seq_one_letter_code
;(MSE)GSSHHHHHHSSGRENLYFQG(MSE)SLEPFGARLSRA(MSE)DDRGPLCVGIDPHASLLADWGLSDDVAGLERFS
RTVVEALGEHVAVFKPQSAFFERFGSRGVAVLEKTVAEARAAGALVV(MSE)DAKRGDIGST(MSE)AAYAEAFLRKDSP
LFSDALTVSPYLGYGSLRPAVELARESGAGLFVLALTSNPEGGEVQHAVRTDGRDVAAT(MSE)LAHLAAENAGEEPLGS
FGAVVGATLGDLSSYDLDINGPLLAPGIGAQGAAPADLPGVFGAAVRNVVPNVSRGVLRHGPDVRALRTAADRFAEEIRA
AVAAV
;
_entity_poly.pdbx_strand_id   A
#
# COMPACT_ATOMS: atom_id res chain seq x y z
N ASN A 16 33.39 -7.02 3.40
CA ASN A 16 32.04 -6.56 3.78
C ASN A 16 31.47 -5.45 2.85
N LEU A 17 31.94 -5.40 1.60
CA LEU A 17 31.84 -4.21 0.77
CA LEU A 17 31.85 -4.19 0.78
C LEU A 17 30.43 -3.76 0.36
N TYR A 18 30.24 -2.44 0.23
CA TYR A 18 29.07 -1.89 -0.44
C TYR A 18 29.09 -2.30 -1.93
N PHE A 19 27.92 -2.40 -2.55
CA PHE A 19 27.87 -2.39 -4.02
C PHE A 19 26.48 -1.96 -4.44
N GLN A 20 26.39 -1.24 -5.56
CA GLN A 20 25.11 -0.67 -5.95
CA GLN A 20 25.11 -0.66 -5.92
C GLN A 20 24.10 -1.77 -6.22
N GLY A 21 24.59 -2.95 -6.60
CA GLY A 21 23.74 -4.11 -6.87
C GLY A 21 23.22 -4.87 -5.66
N MSE A 22 23.56 -4.41 -4.46
CA MSE A 22 23.17 -5.12 -3.24
CA MSE A 22 23.17 -5.12 -3.24
C MSE A 22 21.66 -5.25 -3.28
O MSE A 22 21.01 -4.34 -3.80
CB MSE A 22 23.60 -4.36 -1.99
CB MSE A 22 23.60 -4.36 -1.99
CG MSE A 22 24.25 -5.22 -0.93
CG MSE A 22 23.34 -2.86 -2.06
SE MSE A 22 24.16 -4.43 0.85
SE MSE A 22 24.32 -1.86 -0.71
CE MSE A 22 25.23 -2.83 0.52
CE MSE A 22 25.53 -3.26 -0.11
N SER A 23 21.08 -6.34 -2.76
CA SER A 23 19.62 -6.47 -2.82
C SER A 23 18.97 -5.71 -1.65
N LEU A 24 17.81 -5.08 -1.90
CA LEU A 24 16.98 -4.60 -0.80
C LEU A 24 16.58 -5.81 0.00
N GLU A 25 16.56 -5.65 1.33
CA GLU A 25 16.00 -6.65 2.24
C GLU A 25 14.53 -6.91 1.84
N PRO A 26 14.01 -8.12 2.10
CA PRO A 26 12.64 -8.44 1.67
C PRO A 26 11.60 -7.43 2.19
N PHE A 27 10.63 -7.12 1.35
CA PHE A 27 9.61 -6.14 1.68
C PHE A 27 8.91 -6.41 3.03
N GLY A 28 8.55 -7.67 3.31
CA GLY A 28 7.80 -7.94 4.53
C GLY A 28 8.63 -7.50 5.75
N ALA A 29 9.92 -7.83 5.75
CA ALA A 29 10.80 -7.44 6.83
C ALA A 29 10.97 -5.92 6.89
N ARG A 30 11.17 -5.27 5.74
CA ARG A 30 11.36 -3.82 5.74
C ARG A 30 10.09 -3.10 6.21
N LEU A 31 8.94 -3.61 5.80
CA LEU A 31 7.65 -3.01 6.18
C LEU A 31 7.43 -3.16 7.71
N SER A 32 7.69 -4.36 8.23
CA SER A 32 7.54 -4.63 9.68
CA SER A 32 7.57 -4.64 9.68
C SER A 32 8.43 -3.64 10.46
N ARG A 33 9.67 -3.47 10.02
CA ARG A 33 10.57 -2.52 10.69
C ARG A 33 10.10 -1.08 10.57
N ALA A 34 9.59 -0.67 9.40
CA ALA A 34 9.17 0.70 9.17
C ALA A 34 7.97 1.05 10.08
N MSE A 35 7.01 0.14 10.17
CA MSE A 35 5.85 0.40 11.02
C MSE A 35 6.27 0.45 12.48
O MSE A 35 5.68 1.23 13.23
CB MSE A 35 4.71 -0.58 10.77
CG MSE A 35 4.05 -0.36 9.38
SE MSE A 35 2.32 -1.10 9.21
CE MSE A 35 2.80 -2.94 9.39
N ASP A 36 7.26 -0.35 12.90
CA ASP A 36 7.73 -0.28 14.28
C ASP A 36 8.41 1.08 14.53
N ASP A 37 9.24 1.51 13.57
CA ASP A 37 10.10 2.69 13.75
CA ASP A 37 10.08 2.68 13.75
C ASP A 37 9.29 3.99 13.63
N ARG A 38 8.44 4.10 12.62
CA ARG A 38 7.74 5.34 12.34
C ARG A 38 6.28 5.32 12.75
N GLY A 39 5.79 4.13 13.10
CA GLY A 39 4.39 3.97 13.51
C GLY A 39 3.57 3.28 12.43
N PRO A 40 2.48 2.62 12.85
CA PRO A 40 1.69 1.81 11.91
C PRO A 40 0.70 2.66 11.09
N LEU A 41 1.19 3.28 10.02
CA LEU A 41 0.34 4.11 9.21
C LEU A 41 0.86 4.19 7.79
N CYS A 42 -0.08 4.13 6.84
CA CYS A 42 0.18 4.42 5.43
C CYS A 42 -0.70 5.60 5.06
N VAL A 43 -0.12 6.61 4.42
CA VAL A 43 -0.89 7.79 4.03
C VAL A 43 -1.06 7.78 2.53
N GLY A 44 -2.30 7.89 2.05
CA GLY A 44 -2.53 7.94 0.62
C GLY A 44 -1.96 9.22 0.03
N ILE A 45 -1.51 9.16 -1.23
CA ILE A 45 -1.23 10.40 -1.95
C ILE A 45 -2.29 10.41 -3.05
N ASP A 46 -3.35 11.18 -2.81
CA ASP A 46 -4.60 11.07 -3.56
C ASP A 46 -5.02 12.42 -4.13
N PRO A 47 -4.32 12.92 -5.15
CA PRO A 47 -4.59 14.27 -5.65
C PRO A 47 -5.79 14.27 -6.60
N HIS A 48 -6.96 13.86 -6.11
CA HIS A 48 -8.17 14.00 -6.92
C HIS A 48 -8.65 15.43 -6.93
N ALA A 49 -9.52 15.75 -7.89
CA ALA A 49 -9.94 17.13 -8.05
C ALA A 49 -10.57 17.73 -6.78
N SER A 50 -11.33 16.93 -6.01
CA SER A 50 -11.96 17.38 -4.76
CA SER A 50 -11.96 17.44 -4.77
C SER A 50 -10.87 17.90 -3.82
N LEU A 51 -9.89 17.03 -3.50
CA LEU A 51 -8.82 17.43 -2.56
C LEU A 51 -8.01 18.61 -3.09
N LEU A 52 -7.73 18.63 -4.41
CA LEU A 52 -6.98 19.76 -4.95
C LEU A 52 -7.76 21.08 -4.74
N ALA A 53 -9.07 21.06 -5.04
CA ALA A 53 -9.90 22.25 -4.86
C ALA A 53 -9.90 22.60 -3.37
N ASP A 54 -10.09 21.60 -2.50
CA ASP A 54 -10.02 21.85 -1.04
C ASP A 54 -8.69 22.54 -0.63
N TRP A 55 -7.55 22.14 -1.19
CA TRP A 55 -6.26 22.79 -0.88
C TRP A 55 -6.11 24.14 -1.56
N GLY A 56 -7.15 24.57 -2.28
CA GLY A 56 -7.09 25.80 -3.06
C GLY A 56 -6.16 25.69 -4.26
N LEU A 57 -6.00 24.47 -4.80
CA LEU A 57 -5.14 24.29 -5.98
C LEU A 57 -6.03 24.01 -7.20
N SER A 58 -5.49 24.27 -8.38
CA SER A 58 -6.25 24.10 -9.61
C SER A 58 -6.26 22.61 -9.99
N ASP A 59 -7.24 22.20 -10.81
CA ASP A 59 -7.34 20.80 -11.20
C ASP A 59 -6.54 20.58 -12.45
N ASP A 60 -5.22 20.64 -12.31
CA ASP A 60 -4.34 20.49 -13.46
C ASP A 60 -3.02 19.98 -13.00
N VAL A 61 -2.09 19.82 -13.95
CA VAL A 61 -0.78 19.23 -13.66
C VAL A 61 -0.03 20.05 -12.62
N ALA A 62 -0.08 21.38 -12.75
CA ALA A 62 0.61 22.24 -11.76
C ALA A 62 0.04 22.03 -10.33
N GLY A 63 -1.29 21.89 -10.22
CA GLY A 63 -1.93 21.63 -8.95
C GLY A 63 -1.55 20.26 -8.39
N LEU A 64 -1.62 19.26 -9.27
CA LEU A 64 -1.19 17.89 -8.95
C LEU A 64 0.22 17.88 -8.38
N GLU A 65 1.11 18.60 -9.05
CA GLU A 65 2.49 18.65 -8.66
C GLU A 65 2.70 19.35 -7.31
N ARG A 66 2.02 20.48 -7.09
CA ARG A 66 2.17 21.20 -5.81
C ARG A 66 1.66 20.36 -4.64
N PHE A 67 0.52 19.71 -4.84
CA PHE A 67 -0.07 18.83 -3.84
C PHE A 67 0.93 17.72 -3.47
N SER A 68 1.40 17.02 -4.49
CA SER A 68 2.27 15.87 -4.27
C SER A 68 3.58 16.27 -3.58
N ARG A 69 4.15 17.38 -4.03
CA ARG A 69 5.37 17.86 -3.43
C ARG A 69 5.18 18.20 -1.95
N THR A 70 4.07 18.85 -1.63
CA THR A 70 3.82 19.25 -0.25
C THR A 70 3.62 18.03 0.63
N VAL A 71 2.90 17.02 0.12
CA VAL A 71 2.66 15.82 0.91
C VAL A 71 3.98 15.17 1.28
N VAL A 72 4.88 15.01 0.31
CA VAL A 72 6.15 14.36 0.64
C VAL A 72 7.06 15.24 1.50
N GLU A 73 7.06 16.54 1.25
CA GLU A 73 7.88 17.43 2.10
C GLU A 73 7.40 17.39 3.55
N ALA A 74 6.08 17.42 3.74
CA ALA A 74 5.52 17.46 5.09
C ALA A 74 5.70 16.15 5.80
N LEU A 75 5.49 15.05 5.08
CA LEU A 75 5.35 13.74 5.72
C LEU A 75 6.42 12.70 5.41
N GLY A 76 7.27 12.96 4.41
CA GLY A 76 8.15 11.92 3.88
C GLY A 76 9.10 11.34 4.93
N GLU A 77 9.55 12.18 5.86
CA GLU A 77 10.44 11.69 6.90
C GLU A 77 9.73 11.09 8.10
N HIS A 78 8.39 11.18 8.11
CA HIS A 78 7.61 10.89 9.32
C HIS A 78 6.71 9.73 9.23
N VAL A 79 6.32 9.35 8.01
CA VAL A 79 5.36 8.24 7.89
CA VAL A 79 5.35 8.29 7.84
C VAL A 79 6.02 6.98 7.39
N ALA A 80 5.52 5.85 7.89
CA ALA A 80 6.09 4.55 7.50
C ALA A 80 5.93 4.29 6.00
N VAL A 81 4.74 4.57 5.46
CA VAL A 81 4.41 4.17 4.11
C VAL A 81 3.57 5.25 3.46
N PHE A 82 3.76 5.48 2.17
CA PHE A 82 2.80 6.24 1.35
C PHE A 82 2.16 5.35 0.32
N LYS A 83 0.94 5.70 -0.10
CA LYS A 83 0.27 4.96 -1.16
C LYS A 83 -0.25 5.93 -2.20
N PRO A 84 0.56 6.26 -3.21
CA PRO A 84 0.00 7.06 -4.30
C PRO A 84 -1.02 6.24 -5.07
N GLN A 85 -2.10 6.89 -5.49
CA GLN A 85 -3.11 6.25 -6.34
C GLN A 85 -2.84 6.70 -7.77
N SER A 86 -2.35 5.75 -8.58
CA SER A 86 -1.91 6.03 -9.94
C SER A 86 -2.97 6.75 -10.77
N ALA A 87 -4.24 6.38 -10.63
CA ALA A 87 -5.27 6.95 -11.50
C ALA A 87 -5.30 8.48 -11.48
N PHE A 88 -5.06 9.05 -10.30
CA PHE A 88 -5.16 10.50 -10.14
C PHE A 88 -4.03 11.23 -10.85
N PHE A 89 -2.94 10.52 -11.13
CA PHE A 89 -1.81 11.05 -11.91
C PHE A 89 -2.05 10.76 -13.41
N GLU A 90 -2.53 9.54 -13.71
CA GLU A 90 -2.69 9.11 -15.11
C GLU A 90 -3.69 9.98 -15.85
N ARG A 91 -4.64 10.57 -15.11
CA ARG A 91 -5.65 11.41 -15.75
C ARG A 91 -5.04 12.61 -16.45
N PHE A 92 -3.80 12.96 -16.08
CA PHE A 92 -3.07 14.03 -16.77
C PHE A 92 -2.06 13.50 -17.80
N GLY A 93 -2.14 12.22 -18.14
CA GLY A 93 -1.25 11.65 -19.15
C GLY A 93 0.20 11.59 -18.70
N SER A 94 1.10 11.66 -19.67
CA SER A 94 2.53 11.50 -19.39
C SER A 94 3.05 12.56 -18.41
N ARG A 95 2.53 13.78 -18.49
CA ARG A 95 2.98 14.81 -17.56
C ARG A 95 2.56 14.49 -16.12
N GLY A 96 1.39 13.87 -15.95
CA GLY A 96 1.01 13.40 -14.62
C GLY A 96 1.87 12.26 -14.13
N VAL A 97 2.18 11.32 -15.04
CA VAL A 97 3.07 10.22 -14.68
C VAL A 97 4.48 10.73 -14.30
N ALA A 98 4.94 11.80 -14.95
CA ALA A 98 6.22 12.38 -14.61
C ALA A 98 6.21 12.94 -13.16
N VAL A 99 5.10 13.58 -12.77
CA VAL A 99 4.97 14.01 -11.36
C VAL A 99 4.99 12.80 -10.43
N LEU A 100 4.31 11.73 -10.84
CA LEU A 100 4.29 10.50 -10.04
C LEU A 100 5.70 9.94 -9.85
N GLU A 101 6.50 9.93 -10.93
CA GLU A 101 7.88 9.45 -10.83
C GLU A 101 8.65 10.22 -9.77
N LYS A 102 8.55 11.54 -9.83
CA LYS A 102 9.33 12.39 -8.90
C LYS A 102 8.86 12.19 -7.46
N THR A 103 7.55 12.08 -7.31
CA THR A 103 6.94 11.95 -6.00
C THR A 103 7.41 10.66 -5.32
N VAL A 104 7.38 9.54 -6.07
CA VAL A 104 7.80 8.27 -5.53
C VAL A 104 9.30 8.33 -5.20
N ALA A 105 10.10 8.91 -6.10
CA ALA A 105 11.54 9.01 -5.83
C ALA A 105 11.80 9.82 -4.56
N GLU A 106 11.14 10.96 -4.44
CA GLU A 106 11.39 11.83 -3.27
C GLU A 106 10.93 11.13 -2.00
N ALA A 107 9.78 10.47 -2.06
CA ALA A 107 9.26 9.74 -0.89
C ALA A 107 10.26 8.69 -0.42
N ARG A 108 10.75 7.88 -1.38
CA ARG A 108 11.68 6.83 -1.00
C ARG A 108 13.00 7.42 -0.51
N ALA A 109 13.45 8.51 -1.12
CA ALA A 109 14.67 9.17 -0.65
C ALA A 109 14.53 9.67 0.80
N ALA A 110 13.30 10.03 1.20
CA ALA A 110 13.02 10.48 2.57
C ALA A 110 12.90 9.31 3.53
N GLY A 111 12.94 8.08 3.00
CA GLY A 111 12.88 6.91 3.85
C GLY A 111 11.49 6.32 4.05
N ALA A 112 10.49 6.85 3.36
CA ALA A 112 9.15 6.26 3.41
C ALA A 112 9.09 5.09 2.42
N LEU A 113 8.37 4.04 2.78
CA LEU A 113 8.08 2.98 1.82
C LEU A 113 6.98 3.49 0.91
N VAL A 114 6.95 3.03 -0.33
CA VAL A 114 5.91 3.41 -1.27
C VAL A 114 5.19 2.18 -1.83
N VAL A 115 3.88 2.15 -1.61
CA VAL A 115 3.02 1.15 -2.20
C VAL A 115 2.34 1.81 -3.38
N MSE A 116 2.67 1.35 -4.59
CA MSE A 116 2.05 1.92 -5.77
C MSE A 116 0.66 1.32 -5.92
O MSE A 116 0.50 0.11 -6.19
CB MSE A 116 2.91 1.61 -6.99
CG MSE A 116 2.21 2.01 -8.29
SE MSE A 116 2.05 3.95 -8.50
CE MSE A 116 3.94 4.36 -8.55
N ASP A 117 -0.39 2.13 -5.76
CA ASP A 117 -1.73 1.60 -5.94
C ASP A 117 -2.17 1.83 -7.38
N ALA A 118 -1.92 0.81 -8.19
CA ALA A 118 -2.19 0.86 -9.62
C ALA A 118 -3.10 -0.29 -10.07
N LYS A 119 -3.35 -1.25 -9.17
CA LYS A 119 -4.28 -2.36 -9.44
C LYS A 119 -4.11 -2.95 -10.83
N ARG A 120 -2.87 -3.34 -11.14
CA ARG A 120 -2.58 -3.90 -12.48
C ARG A 120 -2.86 -5.40 -12.47
N GLY A 121 -3.17 -5.92 -13.65
CA GLY A 121 -3.37 -7.35 -13.76
C GLY A 121 -3.45 -7.75 -15.22
N ASP A 122 -2.48 -8.56 -15.67
CA ASP A 122 -2.47 -9.02 -17.06
C ASP A 122 -1.72 -10.36 -17.11
N ILE A 123 -1.33 -10.80 -18.30
CA ILE A 123 -0.85 -12.17 -18.50
C ILE A 123 0.57 -12.17 -19.05
N GLY A 124 1.41 -13.11 -18.59
CA GLY A 124 2.64 -13.43 -19.28
C GLY A 124 3.57 -12.25 -19.38
N SER A 125 4.11 -12.01 -20.57
CA SER A 125 5.09 -10.92 -20.71
C SER A 125 4.44 -9.58 -20.49
N THR A 126 3.11 -9.51 -20.56
CA THR A 126 2.46 -8.23 -20.26
C THR A 126 2.48 -7.95 -18.76
N MSE A 127 2.22 -9.00 -17.99
CA MSE A 127 2.37 -8.95 -16.54
C MSE A 127 3.82 -8.63 -16.18
O MSE A 127 4.08 -7.83 -15.28
CB MSE A 127 1.94 -10.26 -15.90
CG MSE A 127 1.90 -10.23 -14.38
SE MSE A 127 0.41 -9.17 -13.69
CE MSE A 127 1.36 -7.48 -13.44
N ALA A 128 4.76 -9.25 -16.89
CA ALA A 128 6.17 -8.97 -16.65
C ALA A 128 6.51 -7.50 -16.92
N ALA A 129 5.90 -6.93 -17.95
CA ALA A 129 6.15 -5.54 -18.28
C ALA A 129 5.60 -4.59 -17.19
N TYR A 130 4.42 -4.88 -16.62
CA TYR A 130 3.99 -4.10 -15.46
C TYR A 130 4.96 -4.24 -14.29
N ALA A 131 5.47 -5.45 -14.09
CA ALA A 131 6.45 -5.64 -13.03
C ALA A 131 7.70 -4.86 -13.32
N GLU A 132 8.12 -4.81 -14.58
CA GLU A 132 9.29 -4.02 -15.05
CA GLU A 132 9.32 -4.05 -14.79
C GLU A 132 9.07 -2.53 -14.69
N ALA A 133 7.83 -2.06 -14.88
CA ALA A 133 7.52 -0.64 -14.63
C ALA A 133 7.64 -0.30 -13.14
N PHE A 134 7.18 -1.19 -12.27
CA PHE A 134 6.99 -0.82 -10.87
C PHE A 134 7.89 -1.56 -9.86
N LEU A 135 8.52 -2.68 -10.24
CA LEU A 135 9.13 -3.57 -9.24
C LEU A 135 10.58 -3.87 -9.49
N ARG A 136 11.19 -3.21 -10.45
CA ARG A 136 12.61 -3.42 -10.66
C ARG A 136 13.36 -2.14 -10.36
N LYS A 137 14.54 -2.18 -9.77
CA LYS A 137 15.13 -0.91 -9.30
C LYS A 137 15.52 0.15 -10.30
N ASP A 138 15.72 -0.26 -11.55
CA ASP A 138 16.09 0.69 -12.59
C ASP A 138 14.89 1.45 -13.14
N SER A 139 13.68 1.09 -12.74
CA SER A 139 12.53 1.75 -13.35
CA SER A 139 12.51 1.71 -13.34
C SER A 139 12.27 3.09 -12.75
N PRO A 140 11.81 4.09 -13.58
CA PRO A 140 11.55 5.40 -12.99
C PRO A 140 10.29 5.35 -12.12
N LEU A 141 9.51 4.25 -12.12
CA LEU A 141 8.39 4.11 -11.14
C LEU A 141 8.62 3.07 -10.03
N PHE A 142 9.89 2.70 -9.80
CA PHE A 142 10.20 1.64 -8.81
C PHE A 142 9.55 1.96 -7.47
N SER A 143 8.78 1.00 -6.97
CA SER A 143 8.05 1.14 -5.71
C SER A 143 8.33 -0.07 -4.83
N ASP A 144 8.12 0.05 -3.53
CA ASP A 144 8.39 -1.07 -2.62
C ASP A 144 7.33 -2.15 -2.73
N ALA A 145 6.14 -1.80 -3.19
CA ALA A 145 5.12 -2.81 -3.49
C ALA A 145 4.15 -2.29 -4.52
N LEU A 146 3.35 -3.21 -5.09
CA LEU A 146 2.40 -2.86 -6.13
C LEU A 146 1.09 -3.53 -5.81
N THR A 147 -0.03 -2.81 -5.94
CA THR A 147 -1.32 -3.47 -5.85
C THR A 147 -1.64 -4.11 -7.21
N VAL A 148 -2.18 -5.34 -7.14
CA VAL A 148 -2.52 -6.11 -8.35
C VAL A 148 -3.88 -6.75 -8.21
N SER A 149 -4.54 -6.92 -9.34
CA SER A 149 -5.90 -7.47 -9.36
C SER A 149 -5.75 -8.92 -9.89
N PRO A 150 -6.39 -9.89 -9.24
CA PRO A 150 -6.20 -11.29 -9.67
C PRO A 150 -7.38 -11.83 -10.48
N TYR A 151 -8.10 -11.03 -11.24
CA TYR A 151 -9.22 -11.53 -12.02
C TYR A 151 -8.78 -12.66 -12.99
N LEU A 152 -7.55 -12.56 -13.49
CA LEU A 152 -7.04 -13.53 -14.46
C LEU A 152 -6.44 -14.77 -13.76
N GLY A 153 -6.49 -14.81 -12.43
CA GLY A 153 -6.10 -15.96 -11.65
C GLY A 153 -4.80 -15.70 -10.92
N TYR A 154 -4.65 -16.26 -9.73
CA TYR A 154 -3.44 -16.01 -8.94
C TYR A 154 -2.15 -16.36 -9.73
N GLY A 155 -2.19 -17.47 -10.46
CA GLY A 155 -1.00 -17.92 -11.17
C GLY A 155 -0.60 -16.95 -12.23
N SER A 156 -1.54 -16.13 -12.73
CA SER A 156 -1.18 -15.16 -13.77
C SER A 156 -0.27 -14.05 -13.21
N LEU A 157 -0.23 -13.92 -11.88
CA LEU A 157 0.63 -12.89 -11.25
C LEU A 157 2.06 -13.32 -11.13
N ARG A 158 2.36 -14.56 -11.51
CA ARG A 158 3.68 -15.13 -11.26
C ARG A 158 4.87 -14.24 -11.70
N PRO A 159 4.81 -13.63 -12.91
CA PRO A 159 5.99 -12.80 -13.26
C PRO A 159 6.22 -11.65 -12.27
N ALA A 160 5.16 -11.08 -11.74
CA ALA A 160 5.29 -9.99 -10.76
C ALA A 160 5.76 -10.53 -9.41
N VAL A 161 5.26 -11.69 -8.97
CA VAL A 161 5.75 -12.32 -7.74
C VAL A 161 7.25 -12.57 -7.82
N GLU A 162 7.71 -13.16 -8.93
CA GLU A 162 9.12 -13.52 -9.04
C GLU A 162 10.01 -12.28 -9.05
N LEU A 163 9.59 -11.26 -9.80
CA LEU A 163 10.44 -10.06 -9.88
C LEU A 163 10.43 -9.31 -8.56
N ALA A 164 9.27 -9.26 -7.91
CA ALA A 164 9.21 -8.65 -6.58
C ALA A 164 10.17 -9.35 -5.61
N ARG A 165 10.18 -10.69 -5.58
CA ARG A 165 11.11 -11.37 -4.67
C ARG A 165 12.55 -10.97 -4.98
N GLU A 166 12.90 -10.90 -6.26
CA GLU A 166 14.26 -10.57 -6.66
C GLU A 166 14.70 -9.16 -6.26
N SER A 167 13.76 -8.20 -6.26
CA SER A 167 14.06 -6.80 -5.94
CA SER A 167 14.16 -6.81 -5.94
C SER A 167 13.90 -6.45 -4.47
N GLY A 168 13.35 -7.37 -3.70
CA GLY A 168 13.03 -7.06 -2.29
C GLY A 168 11.75 -6.21 -2.20
N ALA A 169 10.90 -6.29 -3.23
CA ALA A 169 9.59 -5.61 -3.26
C ALA A 169 8.49 -6.59 -2.89
N GLY A 170 7.27 -6.07 -2.78
CA GLY A 170 6.12 -6.92 -2.44
C GLY A 170 4.94 -6.64 -3.36
N LEU A 171 3.86 -7.39 -3.14
CA LEU A 171 2.60 -7.16 -3.84
C LEU A 171 1.48 -7.07 -2.81
N PHE A 172 0.41 -6.37 -3.16
CA PHE A 172 -0.87 -6.48 -2.44
C PHE A 172 -1.90 -6.92 -3.45
N VAL A 173 -2.41 -8.13 -3.25
CA VAL A 173 -3.41 -8.69 -4.15
C VAL A 173 -4.78 -8.32 -3.66
N LEU A 174 -5.64 -7.80 -4.53
CA LEU A 174 -7.01 -7.50 -4.11
C LEU A 174 -7.68 -8.76 -3.59
N ALA A 175 -8.24 -8.71 -2.38
CA ALA A 175 -8.94 -9.88 -1.84
C ALA A 175 -10.38 -9.56 -1.47
N LEU A 176 -10.55 -8.61 -0.54
CA LEU A 176 -11.86 -8.26 0.01
C LEU A 176 -11.98 -6.74 0.05
N THR A 177 -12.93 -6.18 -0.67
CA THR A 177 -13.09 -4.71 -0.70
C THR A 177 -14.48 -4.31 -0.21
N SER A 178 -14.59 -3.06 0.29
CA SER A 178 -15.84 -2.67 0.95
C SER A 178 -16.79 -1.90 0.08
N ASN A 179 -16.49 -1.76 -1.22
CA ASN A 179 -17.45 -1.14 -2.12
C ASN A 179 -18.72 -2.00 -2.21
N PRO A 180 -19.87 -1.41 -2.56
CA PRO A 180 -21.13 -2.15 -2.52
C PRO A 180 -21.10 -3.44 -3.35
N GLU A 181 -20.31 -3.46 -4.42
CA GLU A 181 -20.32 -4.57 -5.40
C GLU A 181 -19.19 -5.57 -5.16
N GLY A 182 -18.35 -5.34 -4.14
CA GLY A 182 -17.13 -6.12 -4.00
C GLY A 182 -17.41 -7.63 -3.82
N GLY A 183 -18.53 -7.97 -3.20
CA GLY A 183 -18.85 -9.37 -3.01
C GLY A 183 -19.21 -10.12 -4.29
N GLU A 184 -19.57 -9.40 -5.36
CA GLU A 184 -20.10 -10.06 -6.56
C GLU A 184 -19.13 -11.15 -7.05
N VAL A 185 -17.86 -10.78 -7.20
CA VAL A 185 -16.81 -11.72 -7.61
C VAL A 185 -16.17 -12.36 -6.39
N GLN A 186 -15.86 -11.57 -5.37
CA GLN A 186 -15.07 -12.04 -4.24
C GLN A 186 -15.76 -13.17 -3.47
N HIS A 187 -17.09 -13.17 -3.47
CA HIS A 187 -17.85 -14.19 -2.72
C HIS A 187 -18.27 -15.40 -3.56
N ALA A 188 -17.94 -15.37 -4.86
CA ALA A 188 -18.32 -16.46 -5.76
C ALA A 188 -17.52 -17.70 -5.32
N VAL A 189 -18.14 -18.88 -5.42
CA VAL A 189 -17.60 -20.09 -4.82
C VAL A 189 -17.00 -21.08 -5.86
N ARG A 190 -15.77 -21.53 -5.58
CA ARG A 190 -15.08 -22.50 -6.43
C ARG A 190 -15.47 -23.94 -6.11
N THR A 191 -15.01 -24.87 -6.94
CA THR A 191 -15.42 -26.27 -6.78
C THR A 191 -15.02 -26.87 -5.44
N ASP A 192 -13.94 -26.38 -4.81
CA ASP A 192 -13.52 -26.91 -3.52
C ASP A 192 -14.27 -26.28 -2.35
N GLY A 193 -15.23 -25.39 -2.64
CA GLY A 193 -16.01 -24.77 -1.57
C GLY A 193 -15.43 -23.46 -1.06
N ARG A 194 -14.20 -23.11 -1.41
CA ARG A 194 -13.64 -21.79 -1.03
C ARG A 194 -14.15 -20.73 -1.98
N ASP A 195 -14.45 -19.52 -1.48
CA ASP A 195 -14.76 -18.45 -2.42
C ASP A 195 -13.51 -17.85 -3.02
N VAL A 196 -13.68 -16.91 -3.94
CA VAL A 196 -12.57 -16.29 -4.62
C VAL A 196 -11.61 -15.62 -3.64
N ALA A 197 -12.17 -14.85 -2.70
CA ALA A 197 -11.32 -14.17 -1.73
C ALA A 197 -10.50 -15.16 -0.90
N ALA A 198 -11.18 -16.19 -0.40
CA ALA A 198 -10.49 -17.18 0.44
C ALA A 198 -9.38 -17.88 -0.36
N THR A 199 -9.63 -18.08 -1.65
CA THR A 199 -8.67 -18.72 -2.52
C THR A 199 -7.44 -17.85 -2.63
N MSE A 200 -7.64 -16.53 -2.81
CA MSE A 200 -6.49 -15.63 -2.88
C MSE A 200 -5.71 -15.61 -1.56
O MSE A 200 -4.48 -15.62 -1.55
CB MSE A 200 -6.92 -14.20 -3.26
CG MSE A 200 -7.64 -14.12 -4.59
SE MSE A 200 -6.57 -14.95 -6.03
CE MSE A 200 -8.02 -15.08 -7.34
N LEU A 201 -6.43 -15.53 -0.45
CA LEU A 201 -5.76 -15.54 0.86
C LEU A 201 -4.93 -16.81 1.04
N ALA A 202 -5.48 -17.96 0.66
CA ALA A 202 -4.74 -19.21 0.79
C ALA A 202 -3.48 -19.22 -0.12
N HIS A 203 -3.60 -18.70 -1.33
CA HIS A 203 -2.41 -18.61 -2.21
C HIS A 203 -1.35 -17.75 -1.54
N LEU A 204 -1.76 -16.63 -0.93
CA LEU A 204 -0.81 -15.75 -0.28
C LEU A 204 -0.15 -16.43 0.93
N ALA A 205 -0.95 -17.16 1.73
CA ALA A 205 -0.38 -17.87 2.88
C ALA A 205 0.71 -18.83 2.40
N ALA A 206 0.43 -19.51 1.27
CA ALA A 206 1.44 -20.44 0.73
C ALA A 206 2.65 -19.67 0.23
N GLU A 207 2.42 -18.51 -0.37
CA GLU A 207 3.51 -17.70 -0.90
C GLU A 207 4.47 -17.23 0.18
N ASN A 208 3.93 -16.99 1.38
CA ASN A 208 4.70 -16.42 2.48
C ASN A 208 5.21 -17.46 3.45
N ALA A 209 4.94 -18.74 3.20
CA ALA A 209 5.18 -19.76 4.22
C ALA A 209 6.58 -19.69 4.76
N GLY A 210 6.70 -19.59 6.08
CA GLY A 210 8.01 -19.62 6.73
C GLY A 210 8.82 -18.34 6.71
N GLU A 211 8.35 -17.28 6.05
CA GLU A 211 9.10 -16.03 5.97
C GLU A 211 8.98 -15.28 7.28
N GLU A 212 10.11 -14.80 7.80
CA GLU A 212 10.09 -14.12 9.08
C GLU A 212 10.68 -12.73 8.92
N PRO A 213 10.14 -11.73 9.65
CA PRO A 213 9.04 -11.77 10.62
C PRO A 213 7.69 -11.70 9.91
N LEU A 214 7.71 -11.42 8.61
CA LEU A 214 6.49 -11.22 7.85
C LEU A 214 6.87 -11.45 6.37
N GLY A 215 5.98 -12.08 5.61
CA GLY A 215 6.20 -12.28 4.19
C GLY A 215 5.97 -11.02 3.38
N SER A 216 6.32 -11.06 2.09
CA SER A 216 6.23 -9.88 1.23
C SER A 216 4.96 -9.79 0.39
N PHE A 217 4.10 -10.81 0.48
CA PHE A 217 2.94 -10.90 -0.41
C PHE A 217 1.67 -10.73 0.40
N GLY A 218 1.05 -9.57 0.22
CA GLY A 218 -0.08 -9.19 1.08
C GLY A 218 -1.37 -9.15 0.30
N ALA A 219 -2.45 -8.81 1.03
CA ALA A 219 -3.79 -8.71 0.46
C ALA A 219 -4.36 -7.32 0.74
N VAL A 220 -5.24 -6.85 -0.14
CA VAL A 220 -6.06 -5.68 0.16
C VAL A 220 -7.35 -6.20 0.82
N VAL A 221 -7.62 -5.72 2.04
CA VAL A 221 -8.77 -6.16 2.84
C VAL A 221 -9.36 -4.89 3.47
N GLY A 222 -10.56 -4.53 3.03
CA GLY A 222 -11.18 -3.28 3.48
C GLY A 222 -11.53 -3.30 4.97
N ALA A 223 -11.12 -2.22 5.68
CA ALA A 223 -11.30 -2.16 7.14
C ALA A 223 -12.74 -1.97 7.55
N THR A 224 -13.61 -1.55 6.62
CA THR A 224 -15.00 -1.31 6.98
C THR A 224 -15.91 -2.52 6.69
N LEU A 225 -15.35 -3.63 6.23
CA LEU A 225 -16.15 -4.83 6.04
C LEU A 225 -16.60 -5.47 7.36
N GLY A 226 -17.77 -6.10 7.35
CA GLY A 226 -18.35 -6.67 8.55
C GLY A 226 -18.25 -8.18 8.68
N ASP A 227 -17.73 -8.82 7.64
CA ASP A 227 -17.71 -10.29 7.59
C ASP A 227 -16.27 -10.83 7.53
N LEU A 228 -15.30 -10.06 8.01
CA LEU A 228 -13.92 -10.54 7.98
C LEU A 228 -13.70 -11.76 8.85
N SER A 229 -14.55 -11.97 9.86
CA SER A 229 -14.42 -13.12 10.72
C SER A 229 -14.65 -14.45 9.96
N SER A 230 -15.20 -14.36 8.74
CA SER A 230 -15.43 -15.55 7.92
C SER A 230 -14.20 -15.91 7.10
N TYR A 231 -13.13 -15.12 7.20
CA TYR A 231 -11.91 -15.34 6.42
C TYR A 231 -10.73 -15.58 7.32
N ASP A 232 -9.80 -16.42 6.87
CA ASP A 232 -8.54 -16.64 7.57
C ASP A 232 -7.52 -15.62 7.09
N LEU A 233 -7.34 -14.57 7.88
CA LEU A 233 -6.43 -13.48 7.51
C LEU A 233 -5.00 -13.74 7.99
N ASP A 234 -4.75 -14.91 8.60
CA ASP A 234 -3.44 -15.37 9.09
CA ASP A 234 -3.40 -15.16 9.06
C ASP A 234 -2.64 -15.79 7.85
N ILE A 235 -2.23 -14.88 6.98
CA ILE A 235 -1.51 -15.25 5.75
C ILE A 235 -0.02 -14.99 5.83
N ASN A 236 0.47 -14.61 7.01
CA ASN A 236 1.88 -14.25 7.18
C ASN A 236 2.33 -13.22 6.14
N GLY A 237 1.42 -12.29 5.83
CA GLY A 237 1.76 -11.17 4.96
C GLY A 237 0.91 -9.96 5.32
N PRO A 238 1.30 -8.81 4.82
CA PRO A 238 0.66 -7.55 5.25
C PRO A 238 -0.76 -7.44 4.67
N LEU A 239 -1.65 -6.76 5.41
CA LEU A 239 -3.02 -6.58 4.94
C LEU A 239 -3.22 -5.08 4.75
N LEU A 240 -3.26 -4.62 3.51
CA LEU A 240 -3.44 -3.20 3.25
C LEU A 240 -4.90 -2.91 3.45
N ALA A 241 -5.20 -2.00 4.39
CA ALA A 241 -6.58 -1.80 4.79
C ALA A 241 -7.00 -0.38 4.51
N PRO A 242 -7.63 -0.15 3.35
CA PRO A 242 -8.19 1.19 3.11
C PRO A 242 -9.42 1.45 4.01
N GLY A 243 -9.72 2.74 4.14
CA GLY A 243 -10.94 3.14 4.85
C GLY A 243 -10.68 3.58 6.28
N ILE A 244 -9.44 3.73 6.69
CA ILE A 244 -9.20 4.07 8.10
C ILE A 244 -9.69 5.51 8.32
N GLY A 245 -10.43 5.70 9.42
CA GLY A 245 -11.05 6.97 9.75
C GLY A 245 -12.57 6.91 9.51
N ALA A 246 -13.02 6.01 8.61
CA ALA A 246 -14.45 5.84 8.31
C ALA A 246 -15.16 5.24 9.50
N GLN A 247 -16.48 5.42 9.54
CA GLN A 247 -17.28 4.83 10.61
C GLN A 247 -16.95 3.33 10.82
N GLY A 248 -16.61 2.95 12.06
CA GLY A 248 -16.32 1.55 12.36
C GLY A 248 -14.89 1.14 12.06
N ALA A 249 -14.13 2.06 11.45
CA ALA A 249 -12.73 1.84 11.13
C ALA A 249 -11.88 2.99 11.65
N ALA A 250 -12.25 3.47 12.82
CA ALA A 250 -11.36 4.32 13.56
C ALA A 250 -10.20 3.45 14.05
N PRO A 251 -9.06 4.06 14.38
CA PRO A 251 -7.94 3.31 14.95
C PRO A 251 -8.35 2.37 16.07
N ALA A 252 -9.19 2.84 17.00
CA ALA A 252 -9.54 1.99 18.15
C ALA A 252 -10.34 0.74 17.75
N ASP A 253 -10.98 0.78 16.58
CA ASP A 253 -11.81 -0.35 16.10
C ASP A 253 -10.98 -1.44 15.44
N LEU A 254 -9.73 -1.13 15.06
CA LEU A 254 -8.99 -2.08 14.20
C LEU A 254 -8.73 -3.45 14.84
N PRO A 255 -8.33 -3.50 16.13
CA PRO A 255 -8.16 -4.82 16.71
C PRO A 255 -9.42 -5.68 16.66
N GLY A 256 -10.60 -5.10 16.92
CA GLY A 256 -11.82 -5.89 16.82
C GLY A 256 -12.14 -6.31 15.38
N VAL A 257 -11.80 -5.46 14.41
CA VAL A 257 -12.09 -5.77 13.00
C VAL A 257 -11.18 -6.92 12.49
N PHE A 258 -9.89 -6.82 12.80
CA PHE A 258 -8.89 -7.72 12.23
C PHE A 258 -8.44 -8.87 13.13
N GLY A 259 -8.84 -8.87 14.41
CA GLY A 259 -8.40 -9.95 15.30
C GLY A 259 -6.88 -9.97 15.48
N ALA A 260 -6.33 -11.17 15.67
CA ALA A 260 -4.89 -11.32 15.87
C ALA A 260 -4.10 -10.79 14.67
N ALA A 261 -4.71 -10.84 13.49
CA ALA A 261 -4.03 -10.35 12.31
C ALA A 261 -3.83 -8.83 12.27
N VAL A 262 -4.37 -8.09 13.25
CA VAL A 262 -4.20 -6.64 13.23
C VAL A 262 -2.74 -6.22 13.24
N ARG A 263 -1.86 -7.08 13.79
CA ARG A 263 -0.46 -6.77 13.84
C ARG A 263 0.18 -6.70 12.44
N ASN A 264 -0.50 -7.32 11.46
CA ASN A 264 -0.01 -7.33 10.08
C ASN A 264 -0.73 -6.33 9.18
N VAL A 265 -1.60 -5.50 9.74
CA VAL A 265 -2.34 -4.53 8.96
C VAL A 265 -1.48 -3.31 8.65
N VAL A 266 -1.58 -2.85 7.40
CA VAL A 266 -1.04 -1.59 6.96
C VAL A 266 -2.26 -0.69 6.82
N PRO A 267 -2.51 0.16 7.84
CA PRO A 267 -3.76 0.93 7.83
C PRO A 267 -3.58 2.14 6.93
N ASN A 268 -4.40 2.28 5.91
CA ASN A 268 -4.26 3.38 5.00
C ASN A 268 -5.30 4.48 5.30
N VAL A 269 -4.82 5.69 5.57
CA VAL A 269 -5.66 6.86 5.76
CA VAL A 269 -5.74 6.81 5.66
C VAL A 269 -5.49 7.80 4.55
N SER A 270 -6.58 8.30 4.02
CA SER A 270 -6.50 9.29 2.96
C SER A 270 -6.99 10.65 3.49
N ARG A 271 -8.30 10.90 3.40
CA ARG A 271 -8.82 12.22 3.82
C ARG A 271 -8.49 12.61 5.28
N GLY A 272 -8.48 11.66 6.20
CA GLY A 272 -8.22 11.96 7.61
C GLY A 272 -6.92 12.70 7.83
N VAL A 273 -5.94 12.45 6.95
CA VAL A 273 -4.69 13.23 6.98
C VAL A 273 -4.69 14.35 5.94
N LEU A 274 -5.00 13.99 4.69
CA LEU A 274 -4.87 14.92 3.59
C LEU A 274 -5.75 16.15 3.66
N ARG A 275 -6.92 16.06 4.30
CA ARG A 275 -7.77 17.25 4.35
C ARG A 275 -7.11 18.39 5.12
N HIS A 276 -6.08 18.09 5.90
CA HIS A 276 -5.39 19.12 6.69
C HIS A 276 -4.36 19.92 5.90
N GLY A 277 -4.01 19.48 4.70
CA GLY A 277 -3.16 20.28 3.84
C GLY A 277 -3.92 21.51 3.37
N PRO A 278 -3.19 22.49 2.86
CA PRO A 278 -1.74 22.42 2.61
C PRO A 278 -0.82 22.74 3.79
N ASP A 279 -1.39 22.97 4.97
CA ASP A 279 -0.61 23.34 6.17
C ASP A 279 0.27 22.17 6.61
N VAL A 280 1.58 22.35 6.52
CA VAL A 280 2.49 21.23 6.77
C VAL A 280 2.48 20.79 8.22
N ARG A 281 2.30 21.72 9.17
CA ARG A 281 2.23 21.31 10.56
C ARG A 281 0.92 20.55 10.81
N ALA A 282 -0.16 20.98 10.16
CA ALA A 282 -1.44 20.29 10.33
C ALA A 282 -1.37 18.87 9.75
N LEU A 283 -0.70 18.71 8.61
CA LEU A 283 -0.54 17.37 8.00
C LEU A 283 0.26 16.46 8.92
N ARG A 284 1.38 16.96 9.42
CA ARG A 284 2.22 16.21 10.35
CA ARG A 284 2.20 16.15 10.33
C ARG A 284 1.45 15.81 11.62
N THR A 285 0.73 16.77 12.18
CA THR A 285 0.01 16.52 13.42
C THR A 285 -1.01 15.40 13.21
N ALA A 286 -1.76 15.45 12.11
CA ALA A 286 -2.79 14.44 11.85
C ALA A 286 -2.17 13.08 11.63
N ALA A 287 -1.09 13.03 10.86
CA ALA A 287 -0.42 11.74 10.62
C ALA A 287 0.11 11.16 11.93
N ASP A 288 0.75 11.99 12.76
CA ASP A 288 1.29 11.49 14.04
CA ASP A 288 1.29 11.50 14.01
C ASP A 288 0.16 10.98 14.91
N ARG A 289 -0.99 11.67 14.89
CA ARG A 289 -2.10 11.27 15.75
C ARG A 289 -2.69 9.92 15.31
N PHE A 290 -2.91 9.76 14.01
CA PHE A 290 -3.39 8.45 13.53
C PHE A 290 -2.41 7.35 13.90
N ALA A 291 -1.12 7.55 13.62
CA ALA A 291 -0.16 6.50 13.88
C ALA A 291 -0.14 6.15 15.36
N GLU A 292 -0.20 7.18 16.22
CA GLU A 292 -0.16 6.89 17.66
C GLU A 292 -1.41 6.20 18.14
N GLU A 293 -2.57 6.60 17.64
CA GLU A 293 -3.80 5.95 18.07
C GLU A 293 -3.85 4.50 17.64
N ILE A 294 -3.37 4.23 16.41
CA ILE A 294 -3.34 2.85 15.94
C ILE A 294 -2.33 2.04 16.77
N ARG A 295 -1.14 2.60 16.99
CA ARG A 295 -0.14 1.90 17.79
CA ARG A 295 -0.12 1.94 17.81
C ARG A 295 -0.70 1.55 19.16
N ALA A 296 -1.39 2.50 19.80
CA ALA A 296 -1.96 2.28 21.13
C ALA A 296 -3.06 1.21 21.08
N ALA A 297 -3.89 1.24 20.05
CA ALA A 297 -4.98 0.25 19.98
C ALA A 297 -4.41 -1.16 19.85
N VAL A 298 -3.43 -1.30 18.96
CA VAL A 298 -2.81 -2.59 18.69
C VAL A 298 -2.05 -3.08 19.93
N ALA A 299 -1.44 -2.16 20.68
CA ALA A 299 -0.69 -2.49 21.90
C ALA A 299 -1.62 -2.94 23.01
N ALA A 300 -2.86 -2.48 23.01
CA ALA A 300 -3.78 -2.85 24.08
C ALA A 300 -4.42 -4.22 23.89
#